data_1RKE
#
_entry.id   1RKE
#
_cell.length_a   86.603
_cell.length_b   161.648
_cell.length_c   36.040
_cell.angle_alpha   90.00
_cell.angle_beta   90.00
_cell.angle_gamma   90.00
#
_symmetry.space_group_name_H-M   'P 21 21 2'
#
loop_
_entity.id
_entity.type
_entity.pdbx_description
1 polymer Vinculin
2 polymer 'VCL protein'
3 water water
#
loop_
_entity_poly.entity_id
_entity_poly.type
_entity_poly.pdbx_seq_one_letter_code
_entity_poly.pdbx_strand_id
1 'polypeptide(L)'
;HHHHMPVFHTRTIESILEPVAQQISHLVIMHEEGEVDGKAIPDLTAPVAAVQAAVSNLVRVGKETVQTTEDQILKRDMPP
AFIKVENACTKLVQAAQMLQSDPYSVPARDYLIDGSRGILSGTSDLLLTFDEAEVRKIIRVCKGILEYLTVAEVVETMED
LVTYTKNLGPGMTKMAKMIDERQQELTHQEHRVMLVNSMNTVKELLPVLISAMKIFVTTKNSKNQGIEEALKNRNFTVEK
MSAEINEIIRVLQLTSWDEDAW
;
A
2 'polypeptide(L)'
;DEEFPEQKAGEVINQPMMMAARQLHDEARKWSSKGNDIIAAAKRMALLMAEMSRLVRGGSGTKRALIQCAKDIAKASDEV
TRLAKEVAKQCTDKRIRTNLLQVCERIPTISTQLKILSTVKATMLGRTNISDEESEQATEMLVHNAQNLMQSVKETVREA
EAASIKIRTDAGFTLRWVRKTPWYQ
;
B
#
# COMPACT_ATOMS: atom_id res chain seq x y z
N HIS A 1 15.96 4.28 7.36
CA HIS A 1 15.45 4.74 8.64
C HIS A 1 14.07 5.43 8.57
N HIS A 2 13.56 5.61 7.34
CA HIS A 2 12.24 6.20 7.12
C HIS A 2 11.37 5.17 6.40
N HIS A 3 10.07 5.24 6.65
CA HIS A 3 9.12 4.30 6.05
C HIS A 3 8.77 4.63 4.59
N HIS A 4 9.07 3.69 3.69
CA HIS A 4 8.68 3.84 2.29
C HIS A 4 7.29 3.31 2.12
N MET A 5 6.50 3.95 1.28
CA MET A 5 5.13 3.51 1.11
C MET A 5 5.02 2.12 0.52
N PRO A 6 3.86 1.51 0.70
CA PRO A 6 3.59 0.21 0.10
C PRO A 6 3.41 0.40 -1.41
N VAL A 7 3.50 -0.70 -2.15
CA VAL A 7 3.27 -0.73 -3.59
C VAL A 7 1.79 -0.44 -3.90
N PHE A 8 0.89 -1.07 -3.17
CA PHE A 8 -0.53 -0.80 -3.32
C PHE A 8 -0.97 0.17 -2.21
N HIS A 9 -1.29 1.39 -2.63
CA HIS A 9 -1.48 2.55 -1.77
C HIS A 9 -2.88 2.82 -1.23
N THR A 10 -3.86 2.03 -1.63
CA THR A 10 -5.21 2.14 -1.07
C THR A 10 -5.69 0.76 -0.62
N ARG A 11 -6.54 0.73 0.40
CA ARG A 11 -7.12 -0.51 0.89
C ARG A 11 -7.91 -1.20 -0.20
N THR A 12 -8.57 -0.44 -1.05
CA THR A 12 -9.36 -1.03 -2.16
C THR A 12 -8.55 -1.79 -3.19
N ILE A 13 -7.43 -1.21 -3.62
CA ILE A 13 -6.56 -1.88 -4.56
C ILE A 13 -6.08 -3.21 -3.97
N GLU A 14 -5.61 -3.16 -2.72
CA GLU A 14 -5.12 -4.33 -1.99
C GLU A 14 -6.15 -5.44 -1.76
N SER A 15 -7.33 -5.05 -1.30
CA SER A 15 -8.36 -6.03 -1.00
C SER A 15 -8.91 -6.71 -2.23
N ILE A 16 -9.00 -5.99 -3.36
CA ILE A 16 -9.52 -6.62 -4.58
C ILE A 16 -8.53 -7.56 -5.25
N LEU A 17 -7.25 -7.19 -5.24
CA LEU A 17 -6.18 -8.01 -5.83
C LEU A 17 -5.80 -9.23 -5.01
N GLU A 18 -5.75 -9.07 -3.69
CA GLU A 18 -5.33 -10.16 -2.83
C GLU A 18 -6.02 -11.50 -3.14
N PRO A 19 -7.35 -11.54 -3.18
CA PRO A 19 -8.07 -12.78 -3.46
C PRO A 19 -7.88 -13.24 -4.91
N VAL A 20 -7.78 -12.30 -5.85
CA VAL A 20 -7.49 -12.69 -7.23
C VAL A 20 -6.13 -13.38 -7.31
N ALA A 21 -5.15 -12.88 -6.57
CA ALA A 21 -3.82 -13.49 -6.56
C ALA A 21 -3.77 -14.80 -5.84
N GLN A 22 -4.60 -14.92 -4.81
CA GLN A 22 -4.68 -16.17 -4.05
C GLN A 22 -5.20 -17.28 -4.98
N GLN A 23 -6.30 -17.00 -5.66
CA GLN A 23 -6.83 -17.97 -6.60
C GLN A 23 -5.84 -18.27 -7.74
N ILE A 24 -5.26 -17.22 -8.31
CA ILE A 24 -4.30 -17.39 -9.37
C ILE A 24 -3.13 -18.24 -8.94
N SER A 25 -2.69 -18.08 -7.69
CA SER A 25 -1.52 -18.85 -7.23
C SER A 25 -1.62 -20.36 -7.36
N HIS A 26 -2.81 -20.90 -7.14
N HIS A 26 -2.81 -20.90 -7.13
CA HIS A 26 -3.05 -22.33 -7.26
CA HIS A 26 -3.04 -22.34 -7.25
C HIS A 26 -2.93 -22.76 -8.72
C HIS A 26 -2.99 -22.79 -8.70
N LEU A 27 -3.46 -21.93 -9.61
CA LEU A 27 -3.42 -22.19 -11.05
C LEU A 27 -1.96 -22.22 -11.48
N VAL A 28 -1.16 -21.30 -10.94
CA VAL A 28 0.25 -21.22 -11.29
C VAL A 28 0.99 -22.45 -10.82
N ILE A 29 0.63 -22.97 -9.64
CA ILE A 29 1.30 -24.14 -9.06
C ILE A 29 1.04 -25.42 -9.85
N MET A 30 -0.21 -25.60 -10.27
CA MET A 30 -0.62 -26.75 -11.08
C MET A 30 -0.02 -26.65 -12.46
N HIS A 31 0.02 -25.43 -13.01
CA HIS A 31 0.65 -25.20 -14.29
C HIS A 31 2.10 -25.66 -14.30
N GLU A 32 2.80 -25.44 -13.19
CA GLU A 32 4.21 -25.82 -13.09
C GLU A 32 4.37 -27.29 -12.76
N GLU A 33 3.35 -27.86 -12.14
CA GLU A 33 3.40 -29.29 -11.84
C GLU A 33 3.20 -30.08 -13.15
N GLY A 34 2.43 -29.51 -14.07
CA GLY A 34 2.23 -30.09 -15.38
C GLY A 34 3.55 -29.97 -16.13
N GLU A 35 3.96 -28.73 -16.39
CA GLU A 35 5.21 -28.47 -17.08
C GLU A 35 6.40 -29.19 -16.48
N VAL A 36 6.78 -28.83 -15.27
CA VAL A 36 7.97 -29.42 -14.64
C VAL A 36 7.83 -30.88 -14.25
N ASP A 37 6.85 -31.18 -13.41
CA ASP A 37 6.66 -32.54 -12.93
C ASP A 37 5.95 -33.48 -13.93
N GLY A 38 5.21 -32.90 -14.87
CA GLY A 38 4.52 -33.68 -15.90
C GLY A 38 3.23 -34.38 -15.42
N LYS A 39 2.63 -33.89 -14.35
CA LYS A 39 1.39 -34.46 -13.86
C LYS A 39 0.26 -34.02 -14.77
N ALA A 40 -0.79 -34.83 -14.82
CA ALA A 40 -1.99 -34.45 -15.54
C ALA A 40 -2.60 -33.37 -14.67
N ILE A 41 -2.77 -32.18 -15.23
CA ILE A 41 -3.42 -31.10 -14.52
C ILE A 41 -4.89 -31.49 -14.43
N PRO A 42 -5.47 -31.42 -13.22
CA PRO A 42 -6.87 -31.81 -13.02
C PRO A 42 -7.84 -30.80 -13.59
N ASP A 43 -9.14 -31.08 -13.43
CA ASP A 43 -10.20 -30.23 -13.97
C ASP A 43 -10.23 -28.86 -13.29
N LEU A 44 -9.94 -27.82 -14.08
CA LEU A 44 -9.85 -26.45 -13.59
C LEU A 44 -11.08 -25.62 -13.85
N THR A 45 -12.14 -26.28 -14.31
CA THR A 45 -13.41 -25.60 -14.55
C THR A 45 -13.84 -24.72 -13.38
N ALA A 46 -13.80 -25.28 -12.18
CA ALA A 46 -14.24 -24.63 -10.95
C ALA A 46 -13.32 -23.51 -10.46
N PRO A 47 -12.02 -23.79 -10.34
CA PRO A 47 -11.04 -22.76 -9.92
C PRO A 47 -11.04 -21.57 -10.88
N VAL A 48 -11.27 -21.85 -12.16
CA VAL A 48 -11.35 -20.80 -13.18
C VAL A 48 -12.66 -20.04 -13.07
N ALA A 49 -13.74 -20.71 -12.65
CA ALA A 49 -15.01 -20.04 -12.42
C ALA A 49 -14.91 -19.06 -11.22
N ALA A 50 -14.25 -19.50 -10.16
CA ALA A 50 -13.98 -18.68 -8.98
C ALA A 50 -13.12 -17.47 -9.37
N VAL A 51 -12.05 -17.72 -10.14
CA VAL A 51 -11.22 -16.64 -10.62
C VAL A 51 -12.10 -15.61 -11.35
N GLN A 52 -12.92 -16.08 -12.28
CA GLN A 52 -13.77 -15.16 -13.01
C GLN A 52 -14.67 -14.34 -12.09
N ALA A 53 -15.28 -15.04 -11.12
CA ALA A 53 -16.21 -14.43 -10.18
C ALA A 53 -15.58 -13.23 -9.49
N ALA A 54 -14.29 -13.38 -9.16
CA ALA A 54 -13.54 -12.38 -8.43
C ALA A 54 -13.36 -11.07 -9.18
N VAL A 55 -13.52 -11.09 -10.49
CA VAL A 55 -13.24 -9.92 -11.29
C VAL A 55 -14.43 -9.43 -12.09
N SER A 56 -15.35 -10.33 -12.43
CA SER A 56 -16.55 -9.95 -13.17
C SER A 56 -17.29 -8.81 -12.47
N ASN A 57 -17.18 -8.77 -11.15
CA ASN A 57 -17.77 -7.69 -10.36
C ASN A 57 -17.06 -6.37 -10.68
N LEU A 58 -15.73 -6.42 -10.59
CA LEU A 58 -14.88 -5.26 -10.84
C LEU A 58 -15.08 -4.75 -12.26
N VAL A 59 -15.18 -5.66 -13.22
CA VAL A 59 -15.40 -5.23 -14.60
C VAL A 59 -16.80 -4.62 -14.63
N ARG A 60 -17.74 -5.31 -14.01
CA ARG A 60 -19.13 -4.88 -13.97
C ARG A 60 -19.23 -3.49 -13.36
N VAL A 61 -18.80 -3.39 -12.10
CA VAL A 61 -18.85 -2.15 -11.35
C VAL A 61 -18.05 -1.00 -11.93
N GLY A 62 -17.13 -1.33 -12.84
CA GLY A 62 -16.28 -0.34 -13.49
C GLY A 62 -16.90 0.07 -14.82
N LYS A 63 -17.83 -0.73 -15.32
CA LYS A 63 -18.54 -0.40 -16.54
C LYS A 63 -19.73 0.48 -16.16
N GLU A 64 -20.02 0.50 -14.86
CA GLU A 64 -21.09 1.31 -14.28
C GLU A 64 -20.44 2.60 -13.79
N THR A 65 -19.25 2.89 -14.31
CA THR A 65 -18.53 4.11 -13.97
C THR A 65 -18.31 4.95 -15.23
N VAL A 66 -18.18 4.28 -16.36
CA VAL A 66 -18.07 4.99 -17.64
C VAL A 66 -19.48 5.46 -17.99
N GLN A 67 -20.40 5.24 -17.05
CA GLN A 67 -21.79 5.65 -17.21
C GLN A 67 -22.24 6.44 -15.97
N THR A 68 -21.29 6.75 -15.10
CA THR A 68 -21.57 7.49 -13.88
C THR A 68 -20.49 8.55 -13.57
N THR A 69 -19.49 8.65 -14.44
CA THR A 69 -18.43 9.65 -14.27
C THR A 69 -18.37 10.69 -15.40
N GLU A 70 -17.59 11.74 -15.18
CA GLU A 70 -17.46 12.80 -16.17
C GLU A 70 -16.03 12.89 -16.71
N ASP A 71 -15.10 12.24 -16.00
CA ASP A 71 -13.68 12.25 -16.34
C ASP A 71 -13.40 11.63 -17.72
N GLN A 72 -12.93 12.45 -18.66
CA GLN A 72 -12.67 11.98 -20.00
C GLN A 72 -11.43 11.07 -20.12
N ILE A 73 -10.45 11.28 -19.25
CA ILE A 73 -9.28 10.42 -19.24
C ILE A 73 -9.71 9.01 -18.83
N LEU A 74 -10.71 8.94 -17.94
CA LEU A 74 -11.26 7.69 -17.45
C LEU A 74 -12.06 6.98 -18.54
N LYS A 75 -12.96 7.72 -19.19
CA LYS A 75 -13.77 7.16 -20.27
C LYS A 75 -12.85 6.65 -21.38
N ARG A 76 -11.74 7.35 -21.57
CA ARG A 76 -10.78 6.91 -22.56
C ARG A 76 -10.05 5.61 -22.13
N ASP A 77 -9.42 5.62 -20.96
CA ASP A 77 -8.58 4.51 -20.53
C ASP A 77 -9.24 3.33 -19.79
N MET A 78 -10.50 3.47 -19.43
CA MET A 78 -11.20 2.40 -18.73
C MET A 78 -11.41 1.20 -19.66
N PRO A 79 -11.96 1.44 -20.85
CA PRO A 79 -12.27 0.35 -21.78
C PRO A 79 -11.10 -0.57 -22.16
N PRO A 80 -9.96 0.01 -22.54
CA PRO A 80 -8.78 -0.78 -22.84
C PRO A 80 -8.48 -1.71 -21.66
N ALA A 81 -8.93 -1.32 -20.48
CA ALA A 81 -8.67 -2.11 -19.28
C ALA A 81 -9.62 -3.30 -19.07
N PHE A 82 -10.91 -3.13 -19.35
CA PHE A 82 -11.87 -4.24 -19.22
C PHE A 82 -11.49 -5.29 -20.22
N ILE A 83 -11.21 -4.82 -21.43
CA ILE A 83 -10.88 -5.70 -22.53
C ILE A 83 -9.67 -6.54 -22.23
N LYS A 84 -8.70 -5.97 -21.51
CA LYS A 84 -7.50 -6.72 -21.15
C LYS A 84 -7.87 -7.82 -20.17
N VAL A 85 -8.65 -7.46 -19.16
CA VAL A 85 -9.14 -8.40 -18.17
C VAL A 85 -10.02 -9.48 -18.81
N GLU A 86 -11.04 -9.03 -19.54
CA GLU A 86 -12.00 -9.91 -20.20
C GLU A 86 -11.33 -10.93 -21.10
N ASN A 87 -10.32 -10.50 -21.84
CA ASN A 87 -9.57 -11.38 -22.73
C ASN A 87 -8.76 -12.41 -21.97
N ALA A 88 -8.30 -12.05 -20.79
CA ALA A 88 -7.48 -12.97 -19.97
C ALA A 88 -8.37 -14.04 -19.35
N CYS A 89 -9.60 -13.68 -19.02
CA CYS A 89 -10.59 -14.61 -18.53
C CYS A 89 -10.93 -15.60 -19.64
N THR A 90 -11.17 -15.07 -20.84
CA THR A 90 -11.45 -15.93 -21.97
C THR A 90 -10.32 -16.94 -22.14
N LYS A 91 -9.08 -16.50 -22.03
CA LYS A 91 -7.96 -17.42 -22.17
C LYS A 91 -8.05 -18.45 -21.07
N LEU A 92 -8.29 -18.00 -19.85
CA LEU A 92 -8.33 -18.92 -18.71
C LEU A 92 -9.37 -20.00 -18.95
N VAL A 93 -10.56 -19.57 -19.38
CA VAL A 93 -11.61 -20.50 -19.71
C VAL A 93 -11.21 -21.54 -20.77
N GLN A 94 -10.54 -21.10 -21.84
CA GLN A 94 -10.12 -22.05 -22.86
C GLN A 94 -9.17 -23.09 -22.31
N ALA A 95 -8.19 -22.65 -21.51
CA ALA A 95 -7.27 -23.57 -20.86
C ALA A 95 -8.01 -24.65 -20.05
N ALA A 96 -9.01 -24.25 -19.27
CA ALA A 96 -9.76 -25.21 -18.47
C ALA A 96 -10.41 -26.22 -19.42
N GLN A 97 -11.18 -25.71 -20.37
CA GLN A 97 -11.83 -26.53 -21.39
C GLN A 97 -10.87 -27.47 -22.08
N MET A 98 -9.73 -26.91 -22.52
CA MET A 98 -8.71 -27.66 -23.25
C MET A 98 -8.05 -28.74 -22.43
N LEU A 99 -7.79 -28.45 -21.16
CA LEU A 99 -7.13 -29.37 -20.26
C LEU A 99 -8.13 -30.40 -19.74
N GLN A 100 -9.40 -30.13 -19.98
CA GLN A 100 -10.48 -31.00 -19.56
C GLN A 100 -10.57 -32.14 -20.57
N SER A 101 -10.01 -31.91 -21.74
CA SER A 101 -9.95 -32.92 -22.80
C SER A 101 -8.62 -33.65 -22.73
N ASP A 102 -7.53 -32.89 -22.68
CA ASP A 102 -6.18 -33.42 -22.60
C ASP A 102 -5.47 -32.79 -21.38
N PRO A 103 -5.42 -33.51 -20.27
CA PRO A 103 -4.79 -32.97 -19.08
C PRO A 103 -3.32 -32.63 -19.30
N TYR A 104 -2.83 -32.89 -20.53
CA TYR A 104 -1.42 -32.66 -20.87
C TYR A 104 -1.21 -31.65 -21.99
N SER A 105 -2.31 -31.10 -22.49
CA SER A 105 -2.28 -30.14 -23.59
C SER A 105 -1.37 -28.96 -23.28
N VAL A 106 -0.43 -28.70 -24.18
CA VAL A 106 0.49 -27.60 -23.97
C VAL A 106 0.00 -26.22 -24.44
N PRO A 107 -0.82 -26.19 -25.47
CA PRO A 107 -1.34 -24.91 -25.94
C PRO A 107 -2.27 -24.34 -24.87
N ALA A 108 -2.77 -25.23 -24.01
CA ALA A 108 -3.67 -24.84 -22.94
C ALA A 108 -2.85 -24.32 -21.75
N ARG A 109 -1.68 -24.92 -21.53
CA ARG A 109 -0.80 -24.49 -20.46
C ARG A 109 -0.26 -23.07 -20.71
N ASP A 110 -0.15 -22.72 -21.99
CA ASP A 110 0.28 -21.40 -22.39
C ASP A 110 -0.88 -20.44 -22.15
N TYR A 111 -2.11 -20.95 -22.32
CA TYR A 111 -3.31 -20.16 -22.08
C TYR A 111 -3.51 -19.97 -20.57
N LEU A 112 -3.20 -21.02 -19.83
CA LEU A 112 -3.34 -21.03 -18.38
C LEU A 112 -2.45 -19.96 -17.75
N ILE A 113 -1.16 -19.95 -18.08
CA ILE A 113 -0.24 -18.97 -17.50
C ILE A 113 -0.38 -17.58 -18.09
N ASP A 114 -0.73 -17.53 -19.37
CA ASP A 114 -0.95 -16.26 -20.03
C ASP A 114 -2.19 -15.58 -19.53
N GLY A 115 -3.27 -16.33 -19.39
CA GLY A 115 -4.52 -15.78 -18.87
C GLY A 115 -4.30 -15.34 -17.40
N SER A 116 -3.57 -16.15 -16.65
CA SER A 116 -3.20 -15.86 -15.27
C SER A 116 -2.45 -14.53 -15.14
N ARG A 117 -1.37 -14.37 -15.91
CA ARG A 117 -0.64 -13.11 -15.97
C ARG A 117 -1.58 -11.95 -16.36
N GLY A 118 -2.37 -12.14 -17.41
CA GLY A 118 -3.27 -11.11 -17.91
C GLY A 118 -4.29 -10.63 -16.90
N ILE A 119 -4.84 -11.57 -16.15
CA ILE A 119 -5.85 -11.27 -15.15
C ILE A 119 -5.30 -10.32 -14.06
N LEU A 120 -4.13 -10.64 -13.53
CA LEU A 120 -3.50 -9.78 -12.53
C LEU A 120 -3.06 -8.43 -13.09
N SER A 121 -2.46 -8.44 -14.28
CA SER A 121 -2.10 -7.22 -14.96
C SER A 121 -3.33 -6.34 -15.25
N GLY A 122 -4.37 -6.92 -15.85
CA GLY A 122 -5.58 -6.16 -16.18
C GLY A 122 -6.36 -5.61 -14.96
N THR A 123 -6.52 -6.44 -13.94
CA THR A 123 -7.20 -5.99 -12.70
C THR A 123 -6.40 -4.82 -12.09
N SER A 124 -5.07 -4.92 -12.07
CA SER A 124 -4.25 -3.82 -11.54
C SER A 124 -4.50 -2.53 -12.34
N ASP A 125 -4.44 -2.61 -13.67
CA ASP A 125 -4.75 -1.45 -14.51
C ASP A 125 -6.10 -0.83 -14.21
N LEU A 126 -7.12 -1.67 -14.06
CA LEU A 126 -8.48 -1.19 -13.79
C LEU A 126 -8.49 -0.39 -12.50
N LEU A 127 -7.95 -0.98 -11.44
CA LEU A 127 -7.93 -0.36 -10.13
C LEU A 127 -7.15 0.95 -10.08
N LEU A 128 -5.97 0.98 -10.70
CA LEU A 128 -5.17 2.19 -10.73
C LEU A 128 -5.84 3.26 -11.58
N THR A 129 -6.65 2.85 -12.55
CA THR A 129 -7.34 3.77 -13.43
C THR A 129 -8.50 4.41 -12.68
N PHE A 130 -9.17 3.65 -11.83
CA PHE A 130 -10.20 4.19 -10.97
C PHE A 130 -9.55 5.18 -9.99
N ASP A 131 -8.49 4.74 -9.30
CA ASP A 131 -7.78 5.59 -8.34
C ASP A 131 -7.24 6.91 -8.87
N GLU A 132 -6.64 6.88 -10.05
CA GLU A 132 -6.08 8.10 -10.60
C GLU A 132 -7.18 9.13 -10.82
N ALA A 133 -8.36 8.64 -11.20
CA ALA A 133 -9.52 9.49 -11.42
C ALA A 133 -10.06 10.02 -10.11
N GLU A 134 -9.92 9.24 -9.06
CA GLU A 134 -10.39 9.59 -7.71
C GLU A 134 -9.55 10.75 -7.20
N VAL A 135 -8.25 10.62 -7.39
CA VAL A 135 -7.32 11.68 -7.02
C VAL A 135 -7.52 12.97 -7.83
N ARG A 136 -7.90 12.85 -9.11
CA ARG A 136 -8.19 14.02 -9.92
C ARG A 136 -9.46 14.70 -9.40
N LYS A 137 -10.45 13.90 -9.05
CA LYS A 137 -11.68 14.42 -8.49
C LYS A 137 -11.43 15.27 -7.22
N ILE A 138 -10.64 14.72 -6.31
CA ILE A 138 -10.32 15.39 -5.05
C ILE A 138 -9.48 16.65 -5.25
N ILE A 139 -8.34 16.49 -5.89
CA ILE A 139 -7.47 17.66 -6.14
C ILE A 139 -8.20 18.83 -6.81
N ARG A 140 -9.08 18.54 -7.76
CA ARG A 140 -9.83 19.62 -8.43
C ARG A 140 -10.68 20.40 -7.42
N VAL A 141 -11.12 19.72 -6.38
CA VAL A 141 -11.95 20.34 -5.36
C VAL A 141 -11.12 21.19 -4.39
N CYS A 142 -9.94 20.71 -4.02
CA CYS A 142 -9.07 21.51 -3.17
C CYS A 142 -8.70 22.75 -3.97
N LYS A 143 -8.33 22.55 -5.23
CA LYS A 143 -7.95 23.63 -6.13
C LYS A 143 -9.03 24.71 -6.25
N GLY A 144 -10.29 24.29 -6.24
CA GLY A 144 -11.43 25.20 -6.31
C GLY A 144 -11.46 26.09 -5.08
N ILE A 145 -11.05 25.53 -3.94
CA ILE A 145 -10.97 26.26 -2.68
C ILE A 145 -9.84 27.28 -2.75
N LEU A 146 -8.69 26.84 -3.21
CA LEU A 146 -7.55 27.73 -3.36
C LEU A 146 -7.94 28.95 -4.18
N GLU A 147 -8.70 28.73 -5.24
CA GLU A 147 -9.13 29.82 -6.11
C GLU A 147 -10.03 30.81 -5.38
N TYR A 148 -11.02 30.30 -4.66
CA TYR A 148 -11.93 31.15 -3.90
C TYR A 148 -11.26 31.95 -2.77
N LEU A 149 -10.29 31.34 -2.09
CA LEU A 149 -9.54 32.01 -1.02
C LEU A 149 -8.87 33.23 -1.63
N THR A 150 -8.53 33.07 -2.90
CA THR A 150 -7.84 34.07 -3.70
C THR A 150 -8.74 35.28 -3.95
N VAL A 151 -10.04 35.06 -3.86
CA VAL A 151 -11.00 36.14 -4.09
C VAL A 151 -11.33 36.96 -2.82
N ALA A 152 -11.05 36.39 -1.65
CA ALA A 152 -11.34 37.02 -0.37
C ALA A 152 -10.99 38.49 -0.29
N GLU A 153 -9.88 38.86 -0.94
CA GLU A 153 -9.36 40.22 -0.89
C GLU A 153 -10.21 41.17 -1.69
N VAL A 154 -11.19 40.64 -2.38
CA VAL A 154 -12.10 41.45 -3.19
C VAL A 154 -13.36 41.82 -2.39
N VAL A 155 -13.64 41.07 -1.33
CA VAL A 155 -14.82 41.32 -0.48
C VAL A 155 -14.56 42.58 0.36
N GLU A 156 -15.37 43.61 0.11
CA GLU A 156 -15.18 44.94 0.70
C GLU A 156 -16.44 45.43 1.38
N THR A 157 -17.48 44.62 1.32
CA THR A 157 -18.78 44.99 1.82
C THR A 157 -19.39 43.83 2.61
N MET A 158 -20.23 44.13 3.58
CA MET A 158 -20.90 43.06 4.34
C MET A 158 -21.78 42.22 3.44
N GLU A 159 -22.33 42.84 2.41
CA GLU A 159 -23.19 42.14 1.46
C GLU A 159 -22.39 41.11 0.66
N ASP A 160 -21.18 41.47 0.22
CA ASP A 160 -20.30 40.52 -0.46
C ASP A 160 -19.83 39.47 0.54
N LEU A 161 -19.37 39.91 1.70
CA LEU A 161 -18.89 38.99 2.73
C LEU A 161 -19.95 37.95 2.97
N VAL A 162 -21.15 38.39 3.26
CA VAL A 162 -22.27 37.45 3.43
C VAL A 162 -22.43 36.47 2.25
N THR A 163 -22.11 36.92 1.04
CA THR A 163 -22.17 36.07 -0.15
C THR A 163 -20.96 35.12 -0.19
N TYR A 164 -19.78 35.68 0.08
CA TYR A 164 -18.53 34.90 0.11
C TYR A 164 -18.74 33.72 1.04
N THR A 165 -19.06 34.03 2.29
CA THR A 165 -19.31 33.03 3.32
C THR A 165 -20.24 31.94 2.84
N LYS A 166 -21.33 32.33 2.19
CA LYS A 166 -22.32 31.38 1.71
C LYS A 166 -21.77 30.32 0.76
N ASN A 167 -20.78 30.69 -0.05
CA ASN A 167 -20.13 29.75 -0.98
C ASN A 167 -18.96 28.99 -0.35
N LEU A 168 -18.11 29.70 0.39
CA LEU A 168 -16.94 29.06 0.97
C LEU A 168 -17.27 27.95 1.96
N GLY A 169 -18.35 28.12 2.72
CA GLY A 169 -18.74 27.17 3.76
C GLY A 169 -18.90 25.73 3.24
N PRO A 170 -19.69 25.58 2.19
CA PRO A 170 -19.96 24.28 1.60
C PRO A 170 -18.73 23.65 0.96
N GLY A 171 -18.06 24.40 0.10
CA GLY A 171 -16.84 23.92 -0.57
C GLY A 171 -15.84 23.36 0.44
N MET A 172 -15.87 23.92 1.65
CA MET A 172 -15.00 23.46 2.70
C MET A 172 -15.52 22.18 3.33
N THR A 173 -16.85 22.01 3.34
CA THR A 173 -17.46 20.81 3.87
C THR A 173 -17.23 19.61 2.93
N LYS A 174 -17.35 19.87 1.63
CA LYS A 174 -17.10 18.85 0.63
C LYS A 174 -15.63 18.37 0.67
N MET A 175 -14.70 19.32 0.62
CA MET A 175 -13.29 18.99 0.67
C MET A 175 -12.97 18.21 1.94
N ALA A 176 -13.52 18.64 3.06
CA ALA A 176 -13.31 17.97 4.34
C ALA A 176 -13.79 16.53 4.27
N LYS A 177 -15.01 16.34 3.79
CA LYS A 177 -15.60 15.00 3.66
C LYS A 177 -14.75 14.11 2.72
N MET A 178 -14.37 14.64 1.55
CA MET A 178 -13.54 13.87 0.63
C MET A 178 -12.20 13.48 1.25
N ILE A 179 -11.54 14.44 1.87
CA ILE A 179 -10.24 14.16 2.46
C ILE A 179 -10.36 13.11 3.55
N ASP A 180 -11.50 13.10 4.24
CA ASP A 180 -11.73 12.13 5.31
C ASP A 180 -11.87 10.71 4.73
N GLU A 181 -12.72 10.58 3.72
CA GLU A 181 -12.86 9.32 3.03
C GLU A 181 -11.53 8.93 2.40
N ARG A 182 -10.86 9.85 1.74
CA ARG A 182 -9.58 9.49 1.14
C ARG A 182 -8.61 8.93 2.17
N GLN A 183 -8.39 9.66 3.27
CA GLN A 183 -7.45 9.22 4.27
C GLN A 183 -7.80 7.83 4.84
N GLN A 184 -9.09 7.53 4.97
CA GLN A 184 -9.49 6.21 5.46
C GLN A 184 -9.12 5.10 4.48
N GLU A 185 -8.59 5.46 3.33
CA GLU A 185 -8.26 4.46 2.29
C GLU A 185 -6.76 4.21 2.19
N LEU A 186 -5.97 5.26 2.39
CA LEU A 186 -4.53 5.13 2.22
C LEU A 186 -3.98 3.99 3.07
N THR A 187 -2.96 3.29 2.58
CA THR A 187 -2.37 2.20 3.34
C THR A 187 -1.18 2.74 4.11
N HIS A 188 -0.68 3.88 3.68
CA HIS A 188 0.48 4.50 4.29
C HIS A 188 0.03 5.41 5.43
N GLN A 189 0.30 4.97 6.65
CA GLN A 189 -0.12 5.67 7.84
C GLN A 189 0.28 7.13 7.88
N GLU A 190 1.52 7.41 7.44
CA GLU A 190 2.13 8.74 7.51
C GLU A 190 1.45 9.80 6.65
N HIS A 191 0.96 9.37 5.48
CA HIS A 191 0.23 10.28 4.59
C HIS A 191 -1.16 10.56 5.17
N ARG A 192 -1.76 9.55 5.82
CA ARG A 192 -3.05 9.69 6.51
C ARG A 192 -2.95 10.73 7.63
N VAL A 193 -1.81 10.74 8.33
CA VAL A 193 -1.58 11.64 9.47
C VAL A 193 -1.45 13.08 8.98
N MET A 194 -0.65 13.25 7.93
CA MET A 194 -0.47 14.55 7.30
C MET A 194 -1.77 15.11 6.74
N LEU A 195 -2.57 14.24 6.13
CA LEU A 195 -3.85 14.66 5.58
C LEU A 195 -4.73 15.12 6.69
N VAL A 196 -4.85 14.32 7.74
CA VAL A 196 -5.72 14.66 8.86
C VAL A 196 -5.31 15.95 9.59
N ASN A 197 -4.02 16.18 9.78
CA ASN A 197 -3.57 17.37 10.50
C ASN A 197 -3.76 18.62 9.68
N SER A 198 -3.61 18.53 8.37
CA SER A 198 -3.81 19.67 7.48
C SER A 198 -5.29 20.06 7.39
N MET A 199 -6.16 19.07 7.35
CA MET A 199 -7.60 19.32 7.27
C MET A 199 -8.06 19.96 8.56
N ASN A 200 -7.46 19.54 9.66
CA ASN A 200 -7.81 20.05 10.98
C ASN A 200 -7.42 21.53 11.02
N THR A 201 -6.16 21.82 10.64
CA THR A 201 -5.67 23.19 10.56
C THR A 201 -6.53 24.06 9.66
N VAL A 202 -6.90 23.52 8.50
CA VAL A 202 -7.73 24.28 7.56
C VAL A 202 -9.09 24.56 8.16
N LYS A 203 -9.66 23.57 8.87
CA LYS A 203 -10.99 23.74 9.47
C LYS A 203 -10.99 24.84 10.53
N GLU A 204 -9.89 24.99 11.24
CA GLU A 204 -9.86 26.00 12.30
C GLU A 204 -9.52 27.42 11.82
N LEU A 205 -8.90 27.53 10.65
CA LEU A 205 -8.53 28.83 10.12
C LEU A 205 -9.76 29.46 9.50
N LEU A 206 -10.73 28.63 9.10
CA LEU A 206 -11.95 29.10 8.44
C LEU A 206 -12.61 30.26 9.19
N PRO A 207 -13.05 30.01 10.41
CA PRO A 207 -13.71 31.06 11.22
C PRO A 207 -12.86 32.32 11.47
N VAL A 208 -11.55 32.14 11.60
CA VAL A 208 -10.63 33.26 11.79
C VAL A 208 -10.59 34.12 10.53
N LEU A 209 -10.61 33.46 9.37
CA LEU A 209 -10.58 34.15 8.09
C LEU A 209 -11.83 35.03 7.92
N ILE A 210 -12.99 34.43 8.13
CA ILE A 210 -14.27 35.12 8.00
C ILE A 210 -14.36 36.30 8.96
N SER A 211 -13.92 36.05 10.18
CA SER A 211 -13.84 37.09 11.21
C SER A 211 -12.84 38.18 10.81
N ALA A 212 -11.65 37.81 10.33
CA ALA A 212 -10.67 38.83 9.91
C ALA A 212 -11.28 39.70 8.80
N MET A 213 -12.15 39.07 8.00
CA MET A 213 -12.83 39.74 6.88
C MET A 213 -13.94 40.66 7.41
N LYS A 214 -14.69 40.19 8.40
CA LYS A 214 -15.74 41.00 9.02
C LYS A 214 -15.15 42.31 9.52
N ILE A 215 -14.11 42.16 10.33
CA ILE A 215 -13.38 43.28 10.94
C ILE A 215 -12.82 44.20 9.86
N PHE A 216 -12.36 43.64 8.75
CA PHE A 216 -11.84 44.47 7.67
C PHE A 216 -12.93 45.40 7.09
N VAL A 217 -14.09 44.83 6.83
CA VAL A 217 -15.18 45.56 6.22
C VAL A 217 -15.65 46.66 7.18
N THR A 218 -15.82 46.28 8.43
CA THR A 218 -16.21 47.19 9.49
C THR A 218 -15.22 48.36 9.61
N THR A 219 -13.93 48.03 9.71
CA THR A 219 -12.88 49.04 9.84
C THR A 219 -12.78 49.90 8.58
N LYS A 220 -12.85 49.27 7.40
CA LYS A 220 -12.78 50.02 6.16
C LYS A 220 -13.90 51.04 6.10
N ASN A 221 -15.05 50.70 6.68
CA ASN A 221 -16.21 51.57 6.66
C ASN A 221 -16.24 52.64 7.76
N SER A 222 -15.28 52.59 8.68
CA SER A 222 -15.20 53.60 9.75
C SER A 222 -14.45 54.78 9.23
N LYS A 223 -14.57 55.90 9.93
CA LYS A 223 -13.96 57.15 9.51
C LYS A 223 -12.63 57.34 10.21
N ASN A 224 -11.55 57.44 9.43
CA ASN A 224 -10.22 57.65 10.02
C ASN A 224 -9.66 56.47 10.84
N GLN A 225 -10.17 55.27 10.58
CA GLN A 225 -9.70 54.06 11.21
C GLN A 225 -8.70 53.44 10.27
N GLY A 226 -7.56 53.02 10.81
CA GLY A 226 -6.56 52.34 10.00
C GLY A 226 -7.01 50.91 9.66
N ILE A 227 -6.70 50.47 8.44
CA ILE A 227 -7.06 49.13 7.99
C ILE A 227 -5.86 48.31 7.53
N GLU A 228 -4.67 48.88 7.65
CA GLU A 228 -3.42 48.23 7.21
C GLU A 228 -3.22 46.83 7.82
N GLU A 229 -3.33 46.74 9.14
CA GLU A 229 -3.23 45.47 9.84
C GLU A 229 -4.46 44.57 9.68
N ALA A 230 -5.66 45.16 9.61
CA ALA A 230 -6.88 44.35 9.40
C ALA A 230 -6.67 43.60 8.09
N LEU A 231 -5.96 44.25 7.20
CA LEU A 231 -5.67 43.74 5.87
C LEU A 231 -4.67 42.60 5.95
N LYS A 232 -3.54 42.87 6.60
CA LYS A 232 -2.48 41.90 6.76
C LYS A 232 -3.05 40.67 7.46
N ASN A 233 -3.87 40.90 8.50
CA ASN A 233 -4.46 39.80 9.26
C ASN A 233 -5.27 38.88 8.39
N ARG A 234 -6.02 39.44 7.45
CA ARG A 234 -6.80 38.61 6.54
C ARG A 234 -5.85 37.87 5.59
N ASN A 235 -4.94 38.62 5.00
CA ASN A 235 -4.03 38.02 4.03
C ASN A 235 -3.22 36.90 4.62
N PHE A 236 -2.79 37.10 5.86
CA PHE A 236 -2.00 36.12 6.58
C PHE A 236 -2.77 34.82 6.72
N THR A 237 -4.05 34.90 7.10
CA THR A 237 -4.92 33.72 7.28
C THR A 237 -5.12 33.00 5.93
N VAL A 238 -5.39 33.78 4.89
CA VAL A 238 -5.56 33.21 3.56
C VAL A 238 -4.31 32.45 3.15
N GLU A 239 -3.15 32.95 3.54
CA GLU A 239 -1.92 32.29 3.13
C GLU A 239 -1.63 31.02 3.92
N LYS A 240 -2.01 30.99 5.20
CA LYS A 240 -1.80 29.77 5.97
C LYS A 240 -2.73 28.71 5.44
N MET A 241 -3.98 29.10 5.13
CA MET A 241 -4.96 28.15 4.62
C MET A 241 -4.47 27.61 3.29
N SER A 242 -4.07 28.49 2.40
CA SER A 242 -3.57 28.06 1.10
C SER A 242 -2.41 27.09 1.21
N ALA A 243 -1.49 27.35 2.13
CA ALA A 243 -0.36 26.45 2.32
C ALA A 243 -0.80 25.07 2.80
N GLU A 244 -1.81 25.04 3.66
CA GLU A 244 -2.36 23.76 4.14
C GLU A 244 -3.04 22.97 3.01
N ILE A 245 -3.86 23.66 2.21
CA ILE A 245 -4.52 23.03 1.08
C ILE A 245 -3.47 22.55 0.09
N ASN A 246 -2.44 23.34 -0.16
CA ASN A 246 -1.39 22.90 -1.07
C ASN A 246 -0.66 21.66 -0.51
N GLU A 247 -0.53 21.58 0.81
CA GLU A 247 0.13 20.43 1.43
C GLU A 247 -0.73 19.20 1.26
N ILE A 248 -2.05 19.39 1.28
CA ILE A 248 -3.01 18.29 1.13
C ILE A 248 -2.93 17.80 -0.31
N ILE A 249 -2.88 18.76 -1.22
CA ILE A 249 -2.76 18.43 -2.63
C ILE A 249 -1.46 17.65 -2.88
N ARG A 250 -0.39 18.04 -2.19
CA ARG A 250 0.91 17.41 -2.42
C ARG A 250 0.93 15.96 -1.97
N VAL A 251 0.41 15.70 -0.79
CA VAL A 251 0.34 14.37 -0.23
C VAL A 251 -0.55 13.47 -1.09
N LEU A 252 -1.74 13.97 -1.43
CA LEU A 252 -2.68 13.25 -2.29
C LEU A 252 -2.00 12.71 -3.55
N GLN A 253 -0.88 13.33 -3.92
CA GLN A 253 -0.16 12.94 -5.12
C GLN A 253 0.92 11.89 -4.87
N LEU A 254 1.15 11.58 -3.59
CA LEU A 254 2.08 10.54 -3.19
C LEU A 254 1.41 9.16 -3.31
N THR A 255 1.25 8.69 -4.54
CA THR A 255 0.58 7.43 -4.79
C THR A 255 1.46 6.49 -5.61
N SER A 256 2.78 6.69 -5.62
CA SER A 256 3.67 5.85 -6.42
C SER A 256 4.89 5.44 -5.61
N TRP A 257 4.93 4.17 -5.17
CA TRP A 257 6.06 3.62 -4.41
C TRP A 257 7.36 4.02 -5.11
N ASP A 258 7.24 4.08 -6.43
CA ASP A 258 8.29 4.45 -7.38
C ASP A 258 9.02 5.72 -6.96
N GLU A 259 8.24 6.74 -6.59
CA GLU A 259 8.73 8.06 -6.20
C GLU A 259 9.25 8.14 -4.76
N ASP A 260 8.91 7.14 -3.95
CA ASP A 260 9.44 7.02 -2.60
C ASP A 260 10.30 5.76 -2.61
N ALA A 261 11.30 5.77 -3.48
CA ALA A 261 12.14 4.60 -3.70
C ALA A 261 13.27 4.46 -2.69
N TRP A 262 13.75 3.22 -2.55
CA TRP A 262 14.87 2.90 -1.68
C TRP A 262 16.19 3.29 -2.40
N ASP B 1 20.82 -20.15 15.34
CA ASP B 1 22.00 -20.99 15.23
C ASP B 1 22.52 -20.94 13.78
N GLU B 2 21.64 -21.29 12.85
CA GLU B 2 21.96 -21.36 11.42
C GLU B 2 22.68 -20.12 10.87
N GLU B 3 23.43 -20.32 9.80
CA GLU B 3 24.21 -19.25 9.21
C GLU B 3 23.62 -18.68 7.92
N PHE B 4 24.01 -17.45 7.64
CA PHE B 4 23.55 -16.74 6.46
C PHE B 4 24.23 -17.31 5.20
N PRO B 5 23.41 -17.81 4.28
CA PRO B 5 23.89 -18.39 3.02
C PRO B 5 24.63 -17.37 2.16
N GLU B 6 25.96 -17.37 2.27
CA GLU B 6 26.80 -16.46 1.50
C GLU B 6 26.54 -16.67 0.01
N GLN B 7 26.51 -15.57 -0.72
CA GLN B 7 26.26 -15.62 -2.16
C GLN B 7 27.45 -16.25 -2.90
N LYS B 8 27.22 -17.43 -3.47
CA LYS B 8 28.25 -18.12 -4.22
C LYS B 8 28.60 -17.38 -5.52
N ALA B 9 29.81 -17.62 -6.00
CA ALA B 9 30.29 -17.01 -7.23
C ALA B 9 29.46 -17.48 -8.42
N GLY B 10 29.18 -16.59 -9.35
CA GLY B 10 28.38 -16.95 -10.52
C GLY B 10 26.97 -17.31 -10.09
N GLU B 11 26.39 -16.46 -9.24
CA GLU B 11 25.03 -16.66 -8.76
C GLU B 11 24.18 -15.41 -9.06
N VAL B 12 23.05 -15.60 -9.73
CA VAL B 12 22.17 -14.48 -10.02
C VAL B 12 21.33 -14.16 -8.78
N ILE B 13 21.56 -12.99 -8.20
CA ILE B 13 20.88 -12.60 -6.96
C ILE B 13 20.49 -11.13 -6.97
N ASN B 14 19.32 -10.83 -6.41
CA ASN B 14 18.89 -9.44 -6.29
C ASN B 14 19.69 -8.94 -5.11
N GLN B 15 20.66 -8.07 -5.37
CA GLN B 15 21.53 -7.57 -4.31
C GLN B 15 20.83 -6.70 -3.27
N PRO B 16 19.85 -5.92 -3.69
CA PRO B 16 19.13 -5.09 -2.73
C PRO B 16 18.42 -6.00 -1.73
N MET B 17 17.85 -7.08 -2.24
CA MET B 17 17.11 -8.02 -1.41
C MET B 17 18.02 -8.83 -0.50
N MET B 18 19.18 -9.21 -1.03
CA MET B 18 20.14 -9.99 -0.25
C MET B 18 20.75 -9.17 0.90
N MET B 19 21.15 -7.95 0.57
N MET B 19 21.15 -7.95 0.59
CA MET B 19 21.75 -7.04 1.53
CA MET B 19 21.78 -7.11 1.59
C MET B 19 20.81 -6.78 2.72
C MET B 19 20.83 -6.70 2.71
N ALA B 20 19.53 -6.57 2.40
CA ALA B 20 18.53 -6.25 3.43
C ALA B 20 18.26 -7.45 4.33
N ALA B 21 18.31 -8.64 3.74
CA ALA B 21 18.18 -9.89 4.49
C ALA B 21 19.41 -10.03 5.37
N ARG B 22 20.57 -9.73 4.79
CA ARG B 22 21.80 -9.85 5.54
C ARG B 22 21.73 -8.97 6.78
N GLN B 23 21.29 -7.72 6.62
CA GLN B 23 21.15 -6.83 7.78
C GLN B 23 20.09 -7.22 8.79
N LEU B 24 18.97 -7.76 8.33
CA LEU B 24 17.95 -8.21 9.26
C LEU B 24 18.53 -9.40 10.03
N HIS B 25 19.35 -10.21 9.35
CA HIS B 25 19.97 -11.37 9.98
C HIS B 25 20.97 -10.94 11.02
N ASP B 26 21.71 -9.88 10.70
CA ASP B 26 22.74 -9.35 11.58
C ASP B 26 22.14 -8.83 12.86
N GLU B 27 21.02 -8.14 12.75
CA GLU B 27 20.36 -7.61 13.93
C GLU B 27 19.90 -8.77 14.83
N ALA B 28 19.21 -9.74 14.26
CA ALA B 28 18.64 -10.86 15.01
C ALA B 28 19.69 -11.80 15.62
N ARG B 29 20.79 -12.01 14.93
CA ARG B 29 21.83 -12.93 15.39
C ARG B 29 22.56 -12.43 16.64
N LYS B 30 22.15 -11.28 17.15
CA LYS B 30 22.79 -10.70 18.33
C LYS B 30 22.13 -11.29 19.55
N TRP B 31 20.97 -11.88 19.34
CA TRP B 31 20.20 -12.46 20.39
C TRP B 31 20.11 -13.99 20.30
N SER B 32 20.18 -14.66 21.45
CA SER B 32 19.98 -16.08 21.48
C SER B 32 18.52 -16.27 21.16
N SER B 33 18.17 -17.36 20.48
CA SER B 33 16.76 -17.58 20.15
C SER B 33 16.05 -18.29 21.27
N LYS B 34 16.81 -18.73 22.27
CA LYS B 34 16.22 -19.49 23.38
C LYS B 34 15.44 -18.56 24.28
N GLY B 35 14.13 -18.81 24.36
CA GLY B 35 13.25 -17.96 25.14
C GLY B 35 12.81 -16.71 24.37
N ASN B 36 12.93 -16.73 23.04
CA ASN B 36 12.55 -15.59 22.23
C ASN B 36 12.12 -15.98 20.80
N ASP B 37 10.82 -16.20 20.62
CA ASP B 37 10.27 -16.61 19.31
C ASP B 37 10.34 -15.49 18.26
N ILE B 38 10.36 -14.24 18.69
CA ILE B 38 10.44 -13.15 17.73
C ILE B 38 11.81 -13.16 17.09
N ILE B 39 12.84 -13.38 17.92
CA ILE B 39 14.21 -13.47 17.43
C ILE B 39 14.35 -14.70 16.52
N ALA B 40 13.63 -15.78 16.84
CA ALA B 40 13.72 -16.98 16.00
C ALA B 40 12.97 -16.80 14.68
N ALA B 41 11.83 -16.12 14.74
CA ALA B 41 11.06 -15.87 13.54
C ALA B 41 11.81 -14.88 12.65
N ALA B 42 12.57 -13.99 13.27
CA ALA B 42 13.37 -13.00 12.54
C ALA B 42 14.50 -13.69 11.75
N LYS B 43 15.20 -14.61 12.42
CA LYS B 43 16.28 -15.35 11.78
C LYS B 43 15.74 -16.15 10.62
N ARG B 44 14.61 -16.82 10.85
CA ARG B 44 13.91 -17.59 9.82
C ARG B 44 13.65 -16.72 8.60
N MET B 45 13.09 -15.54 8.85
N MET B 45 13.09 -15.54 8.85
CA MET B 45 12.72 -14.60 7.78
CA MET B 45 12.72 -14.61 7.78
C MET B 45 13.91 -14.12 6.97
C MET B 45 13.92 -14.16 6.97
N ALA B 46 14.99 -13.75 7.67
CA ALA B 46 16.21 -13.28 7.03
C ALA B 46 16.63 -14.31 5.99
N LEU B 47 16.63 -15.57 6.43
CA LEU B 47 17.03 -16.68 5.57
C LEU B 47 16.10 -16.93 4.38
N LEU B 48 14.80 -16.78 4.60
CA LEU B 48 13.81 -16.93 3.52
C LEU B 48 13.97 -15.81 2.52
N MET B 49 14.22 -14.62 3.03
CA MET B 49 14.45 -13.48 2.15
C MET B 49 15.74 -13.68 1.35
N ALA B 50 16.73 -14.33 1.95
CA ALA B 50 17.97 -14.63 1.22
C ALA B 50 17.65 -15.54 0.04
N GLU B 51 16.81 -16.54 0.29
CA GLU B 51 16.41 -17.48 -0.75
C GLU B 51 15.59 -16.76 -1.83
N MET B 52 14.77 -15.82 -1.40
CA MET B 52 13.96 -15.11 -2.37
C MET B 52 14.79 -14.23 -3.28
N SER B 53 15.93 -13.74 -2.78
CA SER B 53 16.85 -12.94 -3.58
C SER B 53 17.39 -13.77 -4.74
N ARG B 54 17.38 -15.09 -4.57
CA ARG B 54 17.84 -16.05 -5.58
C ARG B 54 16.69 -16.51 -6.47
N LEU B 55 15.46 -16.13 -6.11
CA LEU B 55 14.30 -16.60 -6.84
C LEU B 55 13.71 -15.60 -7.82
N VAL B 56 13.82 -14.32 -7.51
CA VAL B 56 13.29 -13.27 -8.39
C VAL B 56 13.64 -13.47 -9.86
N ARG B 57 14.90 -13.79 -10.15
CA ARG B 57 15.33 -14.07 -11.53
C ARG B 57 15.06 -15.55 -11.80
N GLY B 58 15.67 -16.37 -10.96
CA GLY B 58 15.49 -17.83 -10.96
C GLY B 58 15.32 -18.50 -12.33
N GLY B 59 14.21 -18.18 -13.00
CA GLY B 59 13.91 -18.76 -14.31
C GLY B 59 13.16 -20.09 -14.19
N SER B 60 13.39 -20.98 -15.17
CA SER B 60 12.72 -22.27 -15.24
C SER B 60 12.59 -23.01 -13.90
N GLY B 61 11.38 -23.52 -13.65
CA GLY B 61 11.07 -24.37 -12.50
C GLY B 61 11.08 -23.70 -11.11
N THR B 62 10.93 -22.38 -11.08
CA THR B 62 11.00 -21.66 -9.82
C THR B 62 9.72 -20.96 -9.35
N LYS B 63 8.59 -21.18 -10.02
CA LYS B 63 7.34 -20.50 -9.64
C LYS B 63 6.82 -20.95 -8.27
N ARG B 64 6.73 -22.24 -8.08
CA ARG B 64 6.23 -22.79 -6.85
C ARG B 64 7.15 -22.37 -5.71
N ALA B 65 8.44 -22.53 -5.93
CA ALA B 65 9.48 -22.15 -4.98
C ALA B 65 9.28 -20.72 -4.50
N LEU B 66 8.92 -19.84 -5.44
CA LEU B 66 8.74 -18.43 -5.15
C LEU B 66 7.47 -18.20 -4.33
N ILE B 67 6.37 -18.79 -4.77
CA ILE B 67 5.10 -18.65 -4.07
C ILE B 67 5.15 -19.26 -2.68
N GLN B 68 5.89 -20.35 -2.54
CA GLN B 68 6.08 -21.00 -1.25
C GLN B 68 6.95 -20.13 -0.33
N CYS B 69 8.00 -19.55 -0.88
CA CYS B 69 8.87 -18.70 -0.11
C CYS B 69 8.08 -17.54 0.48
N ALA B 70 7.31 -16.85 -0.36
CA ALA B 70 6.46 -15.74 0.09
C ALA B 70 5.53 -16.22 1.22
N LYS B 71 4.98 -17.43 1.05
CA LYS B 71 4.05 -18.01 2.00
C LYS B 71 4.70 -18.17 3.38
N ASP B 72 5.89 -18.78 3.41
CA ASP B 72 6.58 -19.01 4.68
C ASP B 72 6.98 -17.66 5.28
N ILE B 73 7.34 -16.69 4.44
CA ILE B 73 7.75 -15.40 4.95
C ILE B 73 6.58 -14.73 5.65
N ALA B 74 5.43 -14.71 5.00
CA ALA B 74 4.20 -14.18 5.57
C ALA B 74 3.84 -14.87 6.88
N LYS B 75 4.03 -16.19 6.93
CA LYS B 75 3.72 -16.95 8.15
C LYS B 75 4.60 -16.49 9.29
N ALA B 76 5.88 -16.24 8.98
CA ALA B 76 6.82 -15.73 9.99
C ALA B 76 6.44 -14.31 10.41
N SER B 77 6.00 -13.50 9.45
CA SER B 77 5.57 -12.13 9.74
C SER B 77 4.41 -12.16 10.70
N ASP B 78 3.46 -13.04 10.43
CA ASP B 78 2.27 -13.18 11.25
C ASP B 78 2.70 -13.46 12.68
N GLU B 79 3.62 -14.38 12.85
CA GLU B 79 4.05 -14.74 14.18
C GLU B 79 4.76 -13.58 14.87
N VAL B 80 5.55 -12.81 14.12
CA VAL B 80 6.24 -11.64 14.69
C VAL B 80 5.23 -10.59 15.13
N THR B 81 4.22 -10.37 14.28
CA THR B 81 3.12 -9.44 14.58
C THR B 81 2.40 -9.85 15.86
N ARG B 82 1.99 -11.11 15.92
CA ARG B 82 1.25 -11.68 17.02
C ARG B 82 2.01 -11.58 18.36
N LEU B 83 3.31 -11.83 18.31
CA LEU B 83 4.13 -11.73 19.50
C LEU B 83 4.36 -10.29 19.95
N ALA B 84 4.42 -9.37 18.98
CA ALA B 84 4.63 -7.95 19.28
C ALA B 84 3.39 -7.35 19.94
N LYS B 85 2.21 -7.76 19.50
CA LYS B 85 0.97 -7.33 20.13
C LYS B 85 0.99 -7.71 21.61
N GLU B 86 1.24 -8.99 21.88
CA GLU B 86 1.30 -9.52 23.25
C GLU B 86 2.34 -8.83 24.09
N VAL B 87 3.50 -8.54 23.50
CA VAL B 87 4.52 -7.79 24.22
C VAL B 87 4.00 -6.39 24.57
N ALA B 88 3.31 -5.77 23.61
CA ALA B 88 2.79 -4.43 23.79
C ALA B 88 1.71 -4.38 24.89
N LYS B 89 0.75 -5.30 24.84
CA LYS B 89 -0.33 -5.38 25.83
C LYS B 89 0.19 -5.24 27.26
N GLN B 90 1.36 -5.81 27.52
CA GLN B 90 1.97 -5.75 28.85
C GLN B 90 3.01 -4.65 29.02
N CYS B 91 3.27 -3.90 27.96
CA CYS B 91 4.22 -2.80 28.11
C CYS B 91 3.54 -1.70 28.90
N THR B 92 4.26 -1.20 29.91
CA THR B 92 3.75 -0.11 30.74
C THR B 92 4.03 1.20 30.02
N ASP B 93 5.21 1.25 29.39
CA ASP B 93 5.64 2.43 28.67
C ASP B 93 4.66 2.83 27.56
N LYS B 94 4.26 4.10 27.60
CA LYS B 94 3.31 4.69 26.66
C LYS B 94 3.89 4.81 25.26
N ARG B 95 5.13 5.29 25.16
CA ARG B 95 5.76 5.53 23.88
C ARG B 95 6.19 4.23 23.22
N ILE B 96 6.94 3.41 23.95
CA ILE B 96 7.35 2.10 23.45
C ILE B 96 6.13 1.33 22.95
N ARG B 97 5.09 1.30 23.76
CA ARG B 97 3.89 0.55 23.43
C ARG B 97 3.26 1.05 22.14
N THR B 98 3.32 2.37 21.95
CA THR B 98 2.71 3.02 20.79
C THR B 98 3.46 2.60 19.55
N ASN B 99 4.78 2.67 19.63
CA ASN B 99 5.65 2.28 18.54
C ASN B 99 5.41 0.80 18.20
N LEU B 100 5.44 -0.05 19.22
CA LEU B 100 5.16 -1.47 19.02
C LEU B 100 3.85 -1.66 18.29
N LEU B 101 2.79 -1.07 18.81
CA LEU B 101 1.47 -1.15 18.19
C LEU B 101 1.47 -0.66 16.73
N GLN B 102 2.34 0.31 16.43
CA GLN B 102 2.39 0.87 15.08
C GLN B 102 2.78 -0.16 14.02
N VAL B 103 3.77 -0.99 14.36
CA VAL B 103 4.27 -2.03 13.44
C VAL B 103 3.33 -3.22 13.34
N CYS B 104 2.59 -3.49 14.40
CA CYS B 104 1.67 -4.63 14.38
C CYS B 104 0.49 -4.27 13.51
N GLU B 105 0.58 -3.09 12.89
CA GLU B 105 -0.45 -2.59 11.99
C GLU B 105 0.14 -2.56 10.58
N ARG B 106 1.44 -2.24 10.53
CA ARG B 106 2.15 -2.13 9.29
C ARG B 106 2.50 -3.48 8.68
N ILE B 107 2.96 -4.40 9.53
CA ILE B 107 3.47 -5.69 9.05
C ILE B 107 2.49 -6.51 8.24
N PRO B 108 1.25 -6.53 8.68
CA PRO B 108 0.21 -7.29 7.97
C PRO B 108 -0.02 -6.73 6.57
N THR B 109 0.03 -5.41 6.44
CA THR B 109 -0.15 -4.78 5.13
C THR B 109 0.97 -5.18 4.20
N ILE B 110 2.19 -5.16 4.71
CA ILE B 110 3.35 -5.49 3.91
C ILE B 110 3.32 -6.95 3.50
N SER B 111 3.02 -7.85 4.44
CA SER B 111 3.04 -9.29 4.18
C SER B 111 1.94 -9.71 3.20
N THR B 112 0.79 -9.06 3.27
CA THR B 112 -0.30 -9.34 2.35
C THR B 112 0.16 -8.96 0.94
N GLN B 113 0.78 -7.79 0.82
CA GLN B 113 1.27 -7.31 -0.47
C GLN B 113 2.42 -8.08 -1.04
N LEU B 114 3.27 -8.61 -0.17
CA LEU B 114 4.38 -9.44 -0.61
C LEU B 114 3.86 -10.72 -1.26
N LYS B 115 2.77 -11.28 -0.71
CA LYS B 115 2.15 -12.47 -1.29
C LYS B 115 1.55 -12.18 -2.66
N ILE B 116 0.83 -11.05 -2.78
CA ILE B 116 0.24 -10.64 -4.07
C ILE B 116 1.38 -10.46 -5.11
N LEU B 117 2.40 -9.70 -4.73
CA LEU B 117 3.54 -9.39 -5.62
C LEU B 117 4.36 -10.63 -6.00
N SER B 118 4.49 -11.57 -5.08
CA SER B 118 5.22 -12.81 -5.36
C SER B 118 4.46 -13.59 -6.41
N THR B 119 3.15 -13.67 -6.24
CA THR B 119 2.34 -14.36 -7.21
C THR B 119 2.37 -13.68 -8.58
N VAL B 120 2.17 -12.37 -8.64
CA VAL B 120 2.16 -11.71 -9.94
C VAL B 120 3.50 -11.81 -10.60
N LYS B 121 4.55 -11.97 -9.81
CA LYS B 121 5.90 -12.18 -10.37
C LYS B 121 6.02 -13.60 -10.91
N ALA B 122 5.49 -14.57 -10.19
CA ALA B 122 5.51 -15.96 -10.65
C ALA B 122 4.79 -16.19 -12.01
N THR B 123 3.74 -15.43 -12.29
CA THR B 123 3.08 -15.58 -13.58
C THR B 123 3.94 -15.12 -14.72
N MET B 124 5.03 -14.39 -14.42
CA MET B 124 5.91 -13.84 -15.47
C MET B 124 7.18 -14.62 -15.76
N LEU B 125 7.47 -15.63 -14.96
CA LEU B 125 8.70 -16.41 -15.14
C LEU B 125 8.70 -17.32 -16.39
N ASP B 132 12.06 -8.17 -20.67
CA ASP B 132 10.75 -7.54 -20.57
C ASP B 132 10.75 -6.40 -19.55
N GLU B 133 10.02 -5.33 -19.88
CA GLU B 133 9.88 -4.20 -18.98
C GLU B 133 8.97 -4.60 -17.84
N GLU B 134 7.75 -5.02 -18.20
CA GLU B 134 6.71 -5.42 -17.25
C GLU B 134 7.18 -6.42 -16.19
N SER B 135 7.99 -7.39 -16.61
CA SER B 135 8.49 -8.37 -15.68
C SER B 135 9.43 -7.69 -14.72
N GLU B 136 10.28 -6.84 -15.31
CA GLU B 136 11.27 -6.11 -14.54
C GLU B 136 10.60 -5.21 -13.48
N GLN B 137 9.50 -4.60 -13.86
CA GLN B 137 8.74 -3.83 -12.90
C GLN B 137 8.17 -4.74 -11.79
N ALA B 138 7.68 -5.92 -12.15
CA ALA B 138 7.19 -6.87 -11.16
C ALA B 138 8.28 -7.18 -10.14
N THR B 139 9.52 -7.27 -10.60
CA THR B 139 10.64 -7.54 -9.72
C THR B 139 10.90 -6.36 -8.77
N GLU B 140 10.94 -5.16 -9.32
CA GLU B 140 11.25 -3.96 -8.56
C GLU B 140 10.21 -3.68 -7.50
N MET B 141 8.95 -3.96 -7.84
CA MET B 141 7.86 -3.79 -6.88
C MET B 141 8.04 -4.76 -5.72
N LEU B 142 8.49 -5.97 -6.05
CA LEU B 142 8.67 -7.01 -5.06
C LEU B 142 9.85 -6.71 -4.14
N VAL B 143 10.91 -6.20 -4.74
CA VAL B 143 12.11 -5.88 -3.98
C VAL B 143 11.87 -4.70 -3.05
N HIS B 144 11.07 -3.75 -3.52
CA HIS B 144 10.74 -2.58 -2.72
C HIS B 144 9.97 -3.06 -1.47
N ASN B 145 8.97 -3.91 -1.69
CA ASN B 145 8.13 -4.42 -0.63
C ASN B 145 8.94 -5.22 0.37
N ALA B 146 9.74 -6.16 -0.14
CA ALA B 146 10.57 -7.01 0.70
C ALA B 146 11.46 -6.19 1.59
N GLN B 147 11.93 -5.05 1.09
CA GLN B 147 12.81 -4.20 1.90
C GLN B 147 12.01 -3.51 3.00
N ASN B 148 10.77 -3.18 2.72
CA ASN B 148 9.91 -2.61 3.74
C ASN B 148 9.70 -3.66 4.85
N LEU B 149 9.55 -4.91 4.44
CA LEU B 149 9.34 -5.99 5.41
C LEU B 149 10.56 -6.20 6.32
N MET B 150 11.73 -6.36 5.73
CA MET B 150 12.97 -6.47 6.48
C MET B 150 13.13 -5.31 7.49
N GLN B 151 12.74 -4.10 7.07
CA GLN B 151 12.87 -2.91 7.92
C GLN B 151 11.94 -2.99 9.11
N SER B 152 10.67 -3.23 8.85
CA SER B 152 9.68 -3.30 9.92
C SER B 152 10.05 -4.35 10.95
N VAL B 153 10.61 -5.46 10.49
CA VAL B 153 10.91 -6.55 11.39
C VAL B 153 12.10 -6.20 12.25
N LYS B 154 13.10 -5.58 11.66
CA LYS B 154 14.24 -5.07 12.41
C LYS B 154 13.74 -4.10 13.47
N GLU B 155 12.89 -3.17 13.07
CA GLU B 155 12.38 -2.20 14.03
C GLU B 155 11.56 -2.87 15.12
N THR B 156 10.88 -3.96 14.78
CA THR B 156 10.06 -4.68 15.74
C THR B 156 10.94 -5.34 16.82
N VAL B 157 12.05 -5.93 16.37
CA VAL B 157 13.01 -6.57 17.24
C VAL B 157 13.49 -5.60 18.32
N ARG B 158 13.81 -4.39 17.90
CA ARG B 158 14.28 -3.36 18.80
C ARG B 158 13.23 -2.76 19.75
N GLU B 159 12.05 -2.47 19.24
CA GLU B 159 11.04 -1.93 20.14
C GLU B 159 10.67 -2.96 21.22
N ALA B 160 10.53 -4.21 20.80
CA ALA B 160 10.24 -5.29 21.74
C ALA B 160 11.38 -5.52 22.76
N GLU B 161 12.64 -5.36 22.35
CA GLU B 161 13.74 -5.48 23.29
C GLU B 161 13.67 -4.37 24.33
N ALA B 162 13.36 -3.15 23.88
CA ALA B 162 13.21 -2.02 24.80
C ALA B 162 11.98 -2.22 25.68
N ALA B 163 10.95 -2.87 25.15
CA ALA B 163 9.75 -3.11 25.95
C ALA B 163 9.94 -4.17 27.03
N SER B 164 11.07 -4.88 26.99
CA SER B 164 11.35 -5.94 27.96
C SER B 164 12.08 -5.38 29.19
N ILE B 165 12.47 -4.11 29.09
CA ILE B 165 13.17 -3.41 30.16
C ILE B 165 12.14 -2.95 31.19
N LYS B 166 11.06 -2.35 30.70
CA LYS B 166 9.96 -1.86 31.53
C LYS B 166 8.70 -2.70 31.28
N ILE B 167 8.52 -3.75 32.07
CA ILE B 167 7.37 -4.65 31.90
C ILE B 167 6.31 -4.48 32.99
N ARG B 168 5.13 -5.07 32.76
CA ARG B 168 4.02 -5.02 33.72
C ARG B 168 4.19 -6.08 34.81
N THR B 169 3.84 -5.75 36.03
CA THR B 169 3.96 -6.72 37.12
C THR B 169 2.93 -7.85 37.08
N ASP B 170 1.73 -7.52 36.60
CA ASP B 170 0.61 -8.45 36.54
C ASP B 170 0.67 -9.36 35.35
N ALA B 171 1.86 -9.55 34.79
CA ALA B 171 1.96 -10.24 33.51
C ALA B 171 2.39 -11.71 33.51
N GLY B 172 1.99 -12.32 32.40
CA GLY B 172 2.21 -13.69 32.03
C GLY B 172 2.73 -13.74 30.59
N PHE B 173 3.97 -13.39 30.46
CA PHE B 173 4.59 -13.36 29.15
C PHE B 173 5.97 -12.81 29.30
N THR B 174 6.89 -13.33 28.52
CA THR B 174 8.26 -12.86 28.63
C THR B 174 9.12 -13.34 27.48
N LEU B 175 9.66 -12.39 26.74
CA LEU B 175 10.63 -12.71 25.72
C LEU B 175 12.00 -12.60 26.42
N ARG B 176 12.85 -13.59 26.20
CA ARG B 176 14.15 -13.61 26.81
C ARG B 176 15.11 -12.88 25.88
N TRP B 177 15.80 -11.89 26.41
CA TRP B 177 16.71 -11.11 25.60
C TRP B 177 18.12 -11.26 26.15
N VAL B 178 18.82 -12.30 25.62
CA VAL B 178 20.19 -12.58 26.04
C VAL B 178 21.11 -12.50 24.84
N ARG B 179 22.15 -11.69 24.95
CA ARG B 179 23.10 -11.54 23.85
C ARG B 179 23.85 -12.83 23.55
N LYS B 180 24.42 -12.89 22.36
CA LYS B 180 25.23 -14.02 21.92
C LYS B 180 26.64 -13.45 21.76
N THR B 181 27.59 -13.97 22.54
CA THR B 181 28.96 -13.48 22.50
C THR B 181 29.91 -14.36 21.66
N PRO B 182 30.63 -13.73 20.73
CA PRO B 182 31.58 -14.44 19.88
C PRO B 182 33.01 -14.26 20.39
#